data_2AQX
#
_entry.id   2AQX
#
_cell.length_a   53.204
_cell.length_b   60.655
_cell.length_c   56.851
_cell.angle_alpha   59.90
_cell.angle_beta   72.74
_cell.angle_gamma   88.18
#
_symmetry.space_group_name_H-M   'P 1'
#
loop_
_entity.id
_entity.type
_entity.pdbx_description
1 polymer 'PREDICTED: inositol 1,4,5-trisphosphate 3-kinase B'
2 non-polymer 'MAGNESIUM ION'
3 non-polymer "ADENOSINE-5'-TRIPHOSPHATE"
4 water water
#
_entity_poly.entity_id   1
_entity_poly.type   'polypeptide(L)'
_entity_poly.pdbx_seq_one_letter_code
;MVQWSPFVMSFKKKYPWIQLAGHAGSFKAAANGRILKKHCESEQRCLDRLMADVLRPFVPAYHGDVVKDGERYNQMDDLL
ADFDSPCVMDCKMGVRTYLEEELTKARKKPSLRKDMYQKMVEVDPEAPTEEEKAQRAVTKPRYMQWRETISSTATLGFRI
EGIKKEDGSVNRDFKKTKTREQVTEAFREFTKGNQNILIAYRDRLKAIRATLEISPFFKCHEVIGSSLLFIHDKKEQAKV
WMIDFGKTTPLPEGQTLQHDVPWQEGNREDGYLSGLDNLIDILTEMSQG
;
_entity_poly.pdbx_strand_id   A,B
#
loop_
_chem_comp.id
_chem_comp.type
_chem_comp.name
_chem_comp.formula
ATP non-polymer ADENOSINE-5'-TRIPHOSPHATE 'C10 H16 N5 O13 P3'
MG non-polymer 'MAGNESIUM ION' 'Mg 2'
#
# COMPACT_ATOMS: atom_id res chain seq x y z
N MET A 1 11.25 -17.49 -0.85
CA MET A 1 12.55 -18.21 -0.85
C MET A 1 13.23 -17.97 -2.18
N VAL A 2 14.49 -18.39 -2.27
CA VAL A 2 15.32 -18.18 -3.46
C VAL A 2 14.75 -18.86 -4.70
N GLN A 3 13.66 -19.60 -4.48
CA GLN A 3 12.97 -20.37 -5.51
C GLN A 3 12.22 -19.50 -6.54
N TRP A 4 11.85 -18.28 -6.17
CA TRP A 4 11.02 -17.42 -7.01
C TRP A 4 11.37 -15.91 -7.05
N SER A 5 12.30 -15.47 -6.21
CA SER A 5 12.62 -14.07 -6.19
C SER A 5 14.10 -13.81 -6.44
N PRO A 6 14.44 -13.44 -7.68
CA PRO A 6 15.79 -13.15 -8.14
C PRO A 6 16.36 -11.86 -7.55
N PHE A 7 15.49 -10.89 -7.26
CA PHE A 7 15.84 -9.64 -6.61
C PHE A 7 14.65 -9.02 -5.88
N VAL A 8 14.97 -7.98 -5.10
CA VAL A 8 14.03 -7.10 -4.49
C VAL A 8 13.75 -5.85 -5.37
N MET A 9 12.51 -5.39 -5.36
CA MET A 9 12.12 -4.20 -6.09
C MET A 9 11.83 -3.17 -5.04
N SER A 10 11.99 -1.91 -5.40
CA SER A 10 11.71 -0.88 -4.46
C SER A 10 10.90 0.21 -5.17
N PHE A 11 10.13 0.98 -4.39
CA PHE A 11 9.32 2.08 -4.93
C PHE A 11 9.28 3.21 -3.90
N LYS A 12 9.07 4.44 -4.37
CA LYS A 12 8.88 5.55 -3.43
C LYS A 12 7.43 5.60 -3.03
N LYS A 13 7.18 5.65 -1.72
CA LYS A 13 5.86 5.92 -1.23
C LYS A 13 5.83 7.42 -1.13
N LYS A 14 4.81 8.05 -1.72
CA LYS A 14 4.68 9.49 -1.66
C LYS A 14 3.34 9.95 -1.07
N TYR A 15 3.40 10.82 -0.08
CA TYR A 15 2.14 11.30 0.47
C TYR A 15 2.29 12.70 1.06
N PRO A 16 1.23 13.51 0.90
CA PRO A 16 1.14 14.77 1.63
C PRO A 16 1.06 14.52 3.14
N TRP A 17 1.93 15.19 3.88
CA TRP A 17 1.84 15.22 5.34
C TRP A 17 0.62 16.05 5.80
N ILE A 18 0.16 15.74 7.02
CA ILE A 18 -1.01 16.40 7.57
C ILE A 18 -0.69 17.12 8.87
N GLN A 19 -0.92 18.44 8.89
CA GLN A 19 -0.78 19.23 10.10
C GLN A 19 -2.16 19.74 10.52
N LEU A 20 -2.72 19.15 11.57
CA LEU A 20 -3.98 19.68 12.12
C LEU A 20 -3.81 20.99 12.96
N ALA A 21 -3.13 20.93 14.10
CA ALA A 21 -2.93 22.13 14.95
C ALA A 21 -1.56 22.77 14.64
N GLY A 22 -1.07 23.69 15.48
CA GLY A 22 0.27 24.29 15.31
C GLY A 22 0.39 25.44 14.32
N HIS A 23 1.52 26.14 14.31
CA HIS A 23 1.73 27.24 13.35
C HIS A 23 2.49 26.78 12.07
N ALA A 24 2.40 27.61 11.04
CA ALA A 24 3.15 27.40 9.82
C ALA A 24 4.66 27.41 10.15
N GLY A 25 5.42 26.49 9.55
CA GLY A 25 6.87 26.37 9.75
C GLY A 25 7.25 25.74 11.08
N SER A 26 6.34 25.03 11.70
CA SER A 26 6.64 24.34 12.93
C SER A 26 7.18 22.97 12.58
N PHE A 27 6.93 22.53 11.35
CA PHE A 27 7.34 21.19 10.93
C PHE A 27 7.97 21.16 9.54
N LYS A 28 8.88 20.22 9.33
CA LYS A 28 9.55 20.02 8.03
C LYS A 28 9.62 18.56 7.72
N ALA A 29 9.67 18.24 6.43
CA ALA A 29 9.99 16.92 5.95
C ALA A 29 11.34 16.40 6.40
N ALA A 30 11.42 15.13 6.80
CA ALA A 30 12.75 14.48 6.83
C ALA A 30 12.73 13.12 6.13
N ALA A 31 13.89 12.49 5.98
CA ALA A 31 13.93 11.23 5.26
C ALA A 31 13.53 10.02 6.16
N ASN A 32 13.22 8.90 5.52
CA ASN A 32 13.05 7.63 6.20
C ASN A 32 11.81 7.56 7.07
N GLY A 33 10.74 8.25 6.68
CA GLY A 33 9.54 8.31 7.52
C GLY A 33 9.66 9.17 8.77
N ARG A 34 10.63 10.08 8.78
CA ARG A 34 10.84 11.02 9.89
C ARG A 34 10.44 12.45 9.50
N ILE A 35 10.31 13.26 10.54
CA ILE A 35 9.78 14.62 10.48
C ILE A 35 10.60 15.45 11.47
N LEU A 36 10.78 16.73 11.18
CA LEU A 36 11.42 17.66 12.14
C LEU A 36 10.36 18.61 12.69
N LYS A 37 10.41 18.90 13.97
CA LYS A 37 9.48 19.83 14.60
C LYS A 37 10.37 20.90 15.21
N LYS A 38 9.93 22.16 15.13
CA LYS A 38 10.78 23.26 15.57
C LYS A 38 11.11 23.06 17.04
N HIS A 39 12.36 23.31 17.37
CA HIS A 39 12.85 22.94 18.67
C HIS A 39 12.21 23.70 19.79
N CYS A 40 11.95 22.95 20.84
CA CYS A 40 11.40 23.48 22.06
C CYS A 40 12.16 22.80 23.20
N GLU A 41 12.54 23.57 24.23
CA GLU A 41 13.40 23.01 25.28
C GLU A 41 12.68 22.05 26.22
N SER A 42 11.49 22.39 26.65
CA SER A 42 10.78 21.46 27.51
C SER A 42 10.23 20.27 26.73
N GLU A 43 9.95 20.42 25.44
CA GLU A 43 9.56 19.26 24.64
C GLU A 43 10.70 18.25 24.53
N GLN A 44 11.91 18.73 24.25
CA GLN A 44 13.09 17.86 24.13
C GLN A 44 13.34 17.11 25.44
N ARG A 45 13.27 17.86 26.54
CA ARG A 45 13.41 17.30 27.88
C ARG A 45 12.38 16.23 28.14
N CYS A 46 11.16 16.45 27.64
CA CYS A 46 10.08 15.46 27.74
C CYS A 46 10.39 14.21 26.97
N LEU A 47 10.74 14.38 25.70
CA LEU A 47 10.99 13.28 24.76
C LEU A 47 12.12 12.33 25.18
N ASP A 48 13.25 12.90 25.58
CA ASP A 48 14.34 12.15 26.19
C ASP A 48 13.83 11.27 27.32
N ARG A 49 13.04 11.85 28.21
CA ARG A 49 12.55 11.14 29.40
C ARG A 49 11.58 10.06 28.97
N LEU A 50 10.73 10.38 27.99
CA LEU A 50 9.80 9.41 27.40
C LEU A 50 10.50 8.31 26.57
N MET A 51 11.66 8.61 25.99
CA MET A 51 12.40 7.54 25.33
C MET A 51 12.93 6.54 26.37
N ALA A 52 12.87 6.91 27.65
CA ALA A 52 13.38 6.06 28.70
C ALA A 52 12.28 5.71 29.69
N ASP A 53 11.06 5.52 29.21
CA ASP A 53 9.93 5.29 30.11
C ASP A 53 9.03 4.22 29.47
N VAL A 54 8.16 3.58 30.27
CA VAL A 54 7.22 2.61 29.71
C VAL A 54 6.41 3.20 28.61
N LEU A 55 6.20 4.51 28.66
CA LEU A 55 5.28 5.16 27.72
C LEU A 55 5.85 5.21 26.33
N ARG A 56 7.13 4.88 26.20
CA ARG A 56 7.82 4.96 24.92
C ARG A 56 7.01 4.45 23.71
N PRO A 57 6.43 3.23 23.77
CA PRO A 57 5.80 2.74 22.54
C PRO A 57 4.54 3.49 22.10
N PHE A 58 4.09 4.47 22.88
CA PHE A 58 2.86 5.20 22.55
C PHE A 58 3.11 6.67 22.20
N VAL A 59 4.36 7.03 21.95
CA VAL A 59 4.70 8.37 21.53
C VAL A 59 5.59 8.22 20.32
N PRO A 60 5.68 9.24 19.44
CA PRO A 60 6.55 9.17 18.28
C PRO A 60 8.00 8.96 18.72
N ALA A 61 8.69 8.01 18.10
CA ALA A 61 10.09 7.74 18.41
C ALA A 61 10.83 9.03 18.26
N TYR A 62 11.62 9.37 19.28
CA TYR A 62 12.44 10.57 19.25
C TYR A 62 13.88 10.22 18.91
N HIS A 63 14.45 11.02 18.01
CA HIS A 63 15.77 10.70 17.49
C HIS A 63 16.75 11.82 17.75
N GLY A 64 16.41 12.72 18.67
CA GLY A 64 17.29 13.84 18.97
C GLY A 64 17.02 15.03 18.08
N ASP A 65 17.92 16.02 18.16
CA ASP A 65 17.68 17.31 17.57
C ASP A 65 18.69 17.58 16.47
N VAL A 66 18.44 18.63 15.69
CA VAL A 66 19.23 18.91 14.50
C VAL A 66 19.05 20.39 14.12
N VAL A 67 20.13 21.03 13.70
CA VAL A 67 20.11 22.38 13.16
C VAL A 67 20.06 22.34 11.64
N LYS A 68 18.99 22.85 11.03
CA LYS A 68 18.99 23.13 9.58
C LYS A 68 18.67 24.57 9.32
N ASP A 69 19.43 25.14 8.41
CA ASP A 69 19.09 26.41 7.79
C ASP A 69 18.61 27.42 8.81
N GLY A 70 19.52 27.73 9.75
CA GLY A 70 19.29 28.69 10.80
C GLY A 70 18.33 28.29 11.92
N GLU A 71 17.92 27.03 11.99
CA GLU A 71 16.87 26.64 12.93
C GLU A 71 17.17 25.30 13.59
N ARG A 72 16.72 25.14 14.84
CA ARG A 72 16.92 23.93 15.60
C ARG A 72 15.64 23.07 15.59
N TYR A 73 15.77 21.75 15.40
CA TYR A 73 14.59 20.89 15.35
C TYR A 73 14.70 19.66 16.23
N ASN A 74 13.57 19.22 16.77
CA ASN A 74 13.47 17.88 17.33
C ASN A 74 13.04 16.90 16.22
N GLN A 75 13.82 15.84 16.03
CA GLN A 75 13.56 14.89 14.97
C GLN A 75 12.71 13.76 15.51
N MET A 76 11.67 13.39 14.77
CA MET A 76 10.71 12.39 15.24
C MET A 76 10.02 11.61 14.11
N ASP A 77 9.41 10.47 14.47
CA ASP A 77 8.82 9.60 13.47
C ASP A 77 7.59 10.24 12.91
N ASP A 78 7.34 10.05 11.64
CA ASP A 78 6.05 10.48 11.14
C ASP A 78 5.03 9.39 11.33
N LEU A 79 4.13 9.62 12.27
CA LEU A 79 3.09 8.64 12.64
C LEU A 79 2.14 8.27 11.51
N LEU A 80 2.26 8.99 10.40
CA LEU A 80 1.46 8.75 9.19
C LEU A 80 2.13 7.70 8.29
N ALA A 81 3.42 7.44 8.52
CA ALA A 81 4.25 6.65 7.60
C ALA A 81 3.63 5.37 7.06
N ASP A 82 3.10 4.48 7.89
CA ASP A 82 2.61 3.26 7.23
C ASP A 82 1.10 3.05 7.11
N PHE A 83 0.36 4.16 7.03
CA PHE A 83 -1.04 4.14 6.67
C PHE A 83 -1.24 4.41 5.18
N ASP A 84 -2.36 3.92 4.65
CA ASP A 84 -2.75 4.18 3.27
C ASP A 84 -3.87 5.21 3.27
N SER A 85 -3.59 6.44 2.83
CA SER A 85 -4.56 7.54 2.85
C SER A 85 -5.15 7.77 4.26
N PRO A 86 -4.31 8.24 5.20
CA PRO A 86 -4.73 8.35 6.60
C PRO A 86 -5.83 9.38 6.86
N CYS A 87 -6.72 9.08 7.78
CA CYS A 87 -7.59 10.10 8.35
C CYS A 87 -7.07 10.34 9.73
N VAL A 88 -7.11 11.59 10.17
CA VAL A 88 -6.37 11.96 11.35
C VAL A 88 -7.27 12.80 12.24
N MET A 89 -7.25 12.53 13.53
CA MET A 89 -7.88 13.42 14.48
C MET A 89 -6.92 13.75 15.62
N ASP A 90 -6.87 15.03 16.00
CA ASP A 90 -6.07 15.54 17.12
C ASP A 90 -7.02 15.94 18.26
N CYS A 91 -6.96 15.22 19.40
CA CYS A 91 -7.67 15.68 20.62
C CYS A 91 -6.74 16.18 21.70
N LYS A 92 -6.91 17.46 22.05
CA LYS A 92 -6.11 18.07 23.11
C LYS A 92 -6.65 17.70 24.48
N MET A 93 -5.75 17.11 25.27
CA MET A 93 -6.07 16.48 26.56
C MET A 93 -5.93 17.36 27.78
N GLY A 94 -6.86 17.19 28.69
CA GLY A 94 -6.80 17.83 29.99
C GLY A 94 -7.97 18.76 30.22
N VAL A 95 -8.24 19.10 31.48
CA VAL A 95 -9.29 20.06 31.86
C VAL A 95 -8.86 21.52 31.71
N ARG A 96 -7.61 21.75 31.33
CA ARG A 96 -7.03 23.09 31.12
C ARG A 96 -6.01 22.98 29.98
N THR A 97 -5.78 24.07 29.25
CA THR A 97 -4.77 24.11 28.21
C THR A 97 -3.67 25.11 28.53
N TYR A 98 -3.76 25.72 29.72
CA TYR A 98 -2.69 26.57 30.27
C TYR A 98 -2.09 25.87 31.50
N LEU A 99 -0.79 26.08 31.72
CA LEU A 99 -0.05 25.59 32.89
C LEU A 99 -0.41 26.39 34.12
N GLU A 100 -0.20 25.82 35.30
CA GLU A 100 -0.36 26.59 36.55
C GLU A 100 0.52 27.82 36.61
N GLU A 101 1.78 27.69 36.21
CA GLU A 101 2.70 28.83 36.25
C GLU A 101 2.17 29.99 35.40
N GLU A 102 1.44 29.64 34.33
CA GLU A 102 0.92 30.63 33.37
C GLU A 102 -0.13 31.49 33.98
N LEU A 103 -0.95 30.85 34.80
CA LEU A 103 -1.98 31.50 35.57
C LEU A 103 -1.41 32.39 36.67
N THR A 104 -0.57 31.82 37.55
CA THR A 104 0.12 32.57 38.61
C THR A 104 0.73 33.83 38.03
N LYS A 105 1.43 33.67 36.92
CA LYS A 105 2.01 34.81 36.23
C LYS A 105 0.97 35.85 35.81
N ALA A 106 -0.13 35.40 35.24
CA ALA A 106 -1.20 36.31 34.81
C ALA A 106 -1.90 37.00 35.99
N ARG A 107 -1.98 36.30 37.12
CA ARG A 107 -2.59 36.81 38.34
C ARG A 107 -1.76 37.95 38.94
N LYS A 108 -0.60 38.21 38.34
CA LYS A 108 0.43 39.10 38.89
C LYS A 108 0.20 40.57 38.55
N LYS A 109 0.39 40.90 37.27
CA LYS A 109 -0.09 42.16 36.69
C LYS A 109 -1.43 41.82 36.03
N PRO A 110 -2.53 41.87 36.83
CA PRO A 110 -3.83 41.48 36.31
C PRO A 110 -4.60 42.68 35.77
N SER A 111 -4.01 43.38 34.80
CA SER A 111 -4.63 44.55 34.20
C SER A 111 -5.80 44.15 33.28
N LEU A 112 -6.57 45.16 32.87
CA LEU A 112 -7.80 44.98 32.08
C LEU A 112 -7.49 44.82 30.59
N ARG A 113 -8.25 43.96 29.91
CA ARG A 113 -7.95 43.62 28.52
C ARG A 113 -9.19 43.75 27.61
N LYS A 114 -9.16 44.81 26.79
CA LYS A 114 -10.18 45.20 25.83
C LYS A 114 -10.36 44.11 24.78
N ASP A 115 -9.22 43.67 24.22
CA ASP A 115 -9.14 42.60 23.21
C ASP A 115 -9.73 41.26 23.67
N MET A 116 -9.42 40.90 24.92
CA MET A 116 -9.90 39.68 25.55
C MET A 116 -11.40 39.76 25.81
N TYR A 117 -11.85 40.94 26.21
CA TYR A 117 -13.27 41.20 26.33
C TYR A 117 -13.97 41.08 24.97
N GLN A 118 -13.31 41.59 23.93
CA GLN A 118 -13.88 41.60 22.58
C GLN A 118 -13.95 40.22 21.93
N LYS A 119 -12.95 39.37 22.22
CA LYS A 119 -13.00 37.96 21.82
C LYS A 119 -14.11 37.26 22.58
N MET A 120 -14.20 37.49 23.89
CA MET A 120 -15.22 36.85 24.71
C MET A 120 -16.64 37.23 24.28
N VAL A 121 -16.84 38.51 23.94
CA VAL A 121 -18.17 39.00 23.62
C VAL A 121 -18.54 38.51 22.22
N GLU A 122 -17.51 38.28 21.41
CA GLU A 122 -17.68 37.72 20.09
C GLU A 122 -18.11 36.26 20.17
N VAL A 123 -17.41 35.48 20.99
CA VAL A 123 -17.74 34.06 21.13
C VAL A 123 -19.05 33.85 21.88
N ASP A 124 -19.27 34.62 22.94
CA ASP A 124 -20.49 34.53 23.74
C ASP A 124 -20.87 35.89 24.27
N PRO A 125 -21.98 36.47 23.73
CA PRO A 125 -22.31 37.83 24.12
C PRO A 125 -22.90 37.87 25.53
N GLU A 126 -23.04 36.70 26.16
CA GLU A 126 -23.72 36.63 27.45
C GLU A 126 -22.77 36.23 28.57
N ALA A 127 -21.50 36.09 28.25
CA ALA A 127 -20.51 35.66 29.23
C ALA A 127 -20.03 36.76 30.20
N PRO A 128 -19.76 37.99 29.69
CA PRO A 128 -19.20 38.99 30.62
C PRO A 128 -20.18 39.45 31.69
N THR A 129 -19.65 39.78 32.86
CA THR A 129 -20.42 40.37 33.95
C THR A 129 -20.87 41.74 33.50
N GLU A 130 -21.84 42.30 34.18
CA GLU A 130 -22.25 43.66 33.89
C GLU A 130 -21.09 44.63 34.09
N GLU A 131 -20.33 44.47 35.17
CA GLU A 131 -19.07 45.23 35.35
C GLU A 131 -18.14 45.17 34.12
N GLU A 132 -17.91 43.96 33.60
CA GLU A 132 -17.00 43.79 32.48
C GLU A 132 -17.55 44.42 31.22
N LYS A 133 -18.85 44.22 30.98
CA LYS A 133 -19.54 44.89 29.86
C LYS A 133 -19.34 46.42 29.90
N ALA A 134 -19.59 47.01 31.06
CA ALA A 134 -19.47 48.44 31.29
C ALA A 134 -18.03 48.92 31.14
N GLN A 135 -17.06 48.07 31.46
CA GLN A 135 -15.65 48.44 31.34
C GLN A 135 -15.09 48.12 29.96
N ARG A 136 -15.81 47.29 29.22
CA ARG A 136 -15.34 46.77 27.93
C ARG A 136 -13.92 46.18 28.05
N ALA A 137 -13.72 45.46 29.15
CA ALA A 137 -12.46 44.80 29.50
C ALA A 137 -12.62 43.62 30.50
N VAL A 138 -11.79 42.60 30.31
CA VAL A 138 -11.69 41.48 31.23
C VAL A 138 -10.23 41.33 31.65
N THR A 139 -10.01 40.63 32.76
CA THR A 139 -8.65 40.28 33.14
C THR A 139 -8.27 38.96 32.51
N LYS A 140 -7.10 38.46 32.88
CA LYS A 140 -6.55 37.41 32.08
C LYS A 140 -6.55 35.97 32.57
N PRO A 141 -6.35 35.69 33.88
CA PRO A 141 -7.24 35.26 34.89
C PRO A 141 -8.57 34.81 34.32
N ARG A 142 -9.55 35.70 34.36
CA ARG A 142 -10.91 35.36 34.02
C ARG A 142 -10.98 34.82 32.60
N TYR A 143 -10.20 35.44 31.70
CA TYR A 143 -10.29 35.12 30.28
C TYR A 143 -9.72 33.75 29.96
N MET A 144 -8.51 33.49 30.47
CA MET A 144 -7.91 32.17 30.40
C MET A 144 -8.84 31.08 30.88
N GLN A 145 -9.54 31.31 31.98
CA GLN A 145 -10.39 30.26 32.52
C GLN A 145 -11.70 30.07 31.76
N TRP A 146 -12.28 31.19 31.35
CA TRP A 146 -13.53 31.14 30.64
C TRP A 146 -13.31 30.40 29.31
N ARG A 147 -12.17 30.68 28.71
CA ARG A 147 -11.78 30.11 27.43
C ARG A 147 -11.97 28.59 27.45
N GLU A 148 -11.57 27.93 28.54
CA GLU A 148 -11.66 26.46 28.63
C GLU A 148 -13.09 25.90 28.60
N THR A 149 -14.04 26.80 28.73
CA THR A 149 -15.42 26.46 29.06
C THR A 149 -16.30 26.30 27.82
N ILE A 150 -15.86 26.89 26.71
CA ILE A 150 -16.68 26.98 25.51
C ILE A 150 -16.65 25.69 24.70
N SER A 151 -15.66 24.85 24.99
CA SER A 151 -15.57 23.53 24.39
C SER A 151 -15.73 22.51 25.50
N SER A 152 -15.47 21.24 25.17
CA SER A 152 -15.55 20.13 26.09
C SER A 152 -14.33 20.04 27.05
N THR A 153 -13.42 21.01 26.99
CA THR A 153 -12.22 20.92 27.82
C THR A 153 -12.57 20.87 29.31
N ALA A 154 -13.32 21.86 29.80
CA ALA A 154 -13.56 21.94 31.24
C ALA A 154 -14.46 20.85 31.80
N THR A 155 -15.38 20.32 30.99
CA THR A 155 -16.31 19.27 31.45
C THR A 155 -15.87 17.83 31.15
N LEU A 156 -15.37 17.60 29.93
CA LEU A 156 -15.01 16.25 29.51
C LEU A 156 -13.50 15.97 29.62
N GLY A 157 -12.68 17.02 29.74
CA GLY A 157 -11.23 16.84 29.89
C GLY A 157 -10.48 16.57 28.60
N PHE A 158 -11.11 16.89 27.48
CA PHE A 158 -10.45 16.86 26.19
C PHE A 158 -11.18 17.83 25.28
N ARG A 159 -10.57 18.12 24.13
CA ARG A 159 -11.29 18.82 23.08
C ARG A 159 -10.66 18.48 21.75
N ILE A 160 -11.50 18.36 20.72
CA ILE A 160 -11.03 18.10 19.38
C ILE A 160 -10.41 19.38 18.84
N GLU A 161 -9.18 19.26 18.31
CA GLU A 161 -8.47 20.37 17.67
C GLU A 161 -8.66 20.33 16.14
N GLY A 162 -8.61 19.14 15.56
CA GLY A 162 -8.87 19.01 14.13
C GLY A 162 -9.16 17.59 13.69
N ILE A 163 -9.77 17.48 12.51
CA ILE A 163 -10.00 16.21 11.83
C ILE A 163 -9.75 16.35 10.33
N LYS A 164 -8.98 15.44 9.75
CA LYS A 164 -9.00 15.30 8.30
C LYS A 164 -9.69 14.00 7.92
N LYS A 165 -10.78 14.08 7.14
CA LYS A 165 -11.57 12.88 6.82
C LYS A 165 -11.18 12.24 5.50
N GLU A 166 -11.79 11.10 5.22
CA GLU A 166 -11.59 10.34 3.96
C GLU A 166 -12.00 11.12 2.73
N ASP A 167 -12.85 12.13 2.95
CA ASP A 167 -13.15 13.13 1.93
C ASP A 167 -11.96 13.88 1.41
N GLY A 168 -10.93 14.03 2.24
CA GLY A 168 -9.86 14.99 1.98
C GLY A 168 -10.26 16.38 2.45
N SER A 169 -11.33 16.46 3.24
CA SER A 169 -11.70 17.72 3.86
C SER A 169 -11.15 17.76 5.28
N VAL A 170 -10.88 18.98 5.76
CA VAL A 170 -10.26 19.18 7.04
C VAL A 170 -11.10 20.14 7.85
N ASN A 171 -11.46 19.73 9.08
CA ASN A 171 -12.24 20.56 9.98
C ASN A 171 -11.38 20.99 11.13
N ARG A 172 -11.51 22.27 11.51
CA ARG A 172 -10.87 22.84 12.72
C ARG A 172 -11.82 23.67 13.59
N ASP A 173 -13.08 23.79 13.22
CA ASP A 173 -13.98 24.61 14.04
C ASP A 173 -14.66 23.78 15.12
N PHE A 174 -13.91 23.52 16.19
CA PHE A 174 -14.49 22.77 17.27
C PHE A 174 -14.54 23.65 18.48
N LYS A 175 -14.52 24.95 18.18
CA LYS A 175 -14.51 25.99 19.19
C LYS A 175 -15.66 25.80 20.17
N LYS A 176 -16.87 25.60 19.64
CA LYS A 176 -18.05 25.37 20.48
C LYS A 176 -18.49 23.90 20.47
N THR A 177 -17.55 22.99 20.19
CA THR A 177 -17.87 21.58 20.32
C THR A 177 -17.70 21.16 21.78
N LYS A 178 -18.84 20.93 22.44
CA LYS A 178 -18.94 20.94 23.90
C LYS A 178 -19.40 19.64 24.51
N THR A 179 -20.50 19.12 23.95
CA THR A 179 -21.29 18.08 24.59
C THR A 179 -20.82 16.74 24.12
N ARG A 180 -21.15 15.70 24.89
CA ARG A 180 -20.91 14.31 24.54
C ARG A 180 -21.58 13.94 23.22
N GLU A 181 -22.72 14.58 22.94
CA GLU A 181 -23.45 14.36 21.70
C GLU A 181 -22.66 14.89 20.52
N GLN A 182 -22.21 16.14 20.64
CA GLN A 182 -21.40 16.76 19.60
C GLN A 182 -20.16 15.97 19.28
N VAL A 183 -19.55 15.41 20.33
CA VAL A 183 -18.30 14.68 20.19
C VAL A 183 -18.53 13.35 19.50
N THR A 184 -19.47 12.57 20.04
CA THR A 184 -19.90 11.34 19.39
C THR A 184 -20.19 11.59 17.90
N GLU A 185 -20.99 12.61 17.61
CA GLU A 185 -21.24 13.05 16.25
C GLU A 185 -19.96 13.16 15.40
N ALA A 186 -18.93 13.86 15.92
CA ALA A 186 -17.65 14.11 15.20
C ALA A 186 -16.84 12.83 14.95
N PHE A 187 -16.62 12.06 16.01
CA PHE A 187 -16.12 10.68 15.93
C PHE A 187 -16.88 9.79 14.94
N ARG A 188 -18.21 9.75 15.04
CA ARG A 188 -19.04 8.97 14.12
C ARG A 188 -18.77 9.35 12.66
N GLU A 189 -18.72 10.65 12.34
CA GLU A 189 -18.37 11.05 10.98
C GLU A 189 -16.92 10.69 10.61
N PHE A 190 -16.00 10.93 11.57
CA PHE A 190 -14.56 10.70 11.36
C PHE A 190 -14.25 9.26 11.02
N THR A 191 -15.15 8.41 11.47
CA THR A 191 -14.96 7.00 11.56
C THR A 191 -15.84 6.36 10.50
N LYS A 192 -16.83 7.13 10.02
CA LYS A 192 -17.94 6.66 9.17
C LYS A 192 -18.67 5.51 9.84
N GLY A 193 -18.76 5.55 11.16
CA GLY A 193 -19.44 4.51 11.92
C GLY A 193 -18.84 3.11 11.86
N ASN A 194 -17.62 2.98 11.33
CA ASN A 194 -16.93 1.68 11.23
C ASN A 194 -16.64 1.03 12.59
N GLN A 195 -17.30 -0.09 12.86
CA GLN A 195 -17.19 -0.79 14.14
C GLN A 195 -15.75 -1.24 14.46
N ASN A 196 -15.10 -1.86 13.47
CA ASN A 196 -13.74 -2.31 13.63
C ASN A 196 -12.78 -1.20 13.99
N ILE A 197 -12.88 -0.07 13.29
CA ILE A 197 -12.03 1.06 13.58
C ILE A 197 -12.26 1.57 14.99
N LEU A 198 -13.53 1.62 15.40
CA LEU A 198 -13.89 2.09 16.74
C LEU A 198 -13.30 1.23 17.89
N ILE A 199 -13.37 -0.08 17.72
CA ILE A 199 -12.93 -1.02 18.75
C ILE A 199 -11.41 -0.96 18.92
N ALA A 200 -10.70 -0.83 17.79
CA ALA A 200 -9.25 -0.77 17.83
C ALA A 200 -8.84 0.50 18.54
N TYR A 201 -9.53 1.59 18.22
CA TYR A 201 -9.31 2.86 18.84
C TYR A 201 -9.56 2.73 20.33
N ARG A 202 -10.72 2.17 20.67
CA ARG A 202 -11.06 1.96 22.07
C ARG A 202 -10.05 1.08 22.84
N ASP A 203 -9.56 0.01 22.22
CA ASP A 203 -8.63 -0.85 22.91
C ASP A 203 -7.21 -0.26 23.00
N ARG A 204 -6.88 0.55 22.01
CA ARG A 204 -5.61 1.25 21.98
C ARG A 204 -5.65 2.34 23.05
N LEU A 205 -6.82 2.88 23.31
CA LEU A 205 -6.96 3.85 24.40
C LEU A 205 -6.80 3.19 25.75
N LYS A 206 -7.45 2.04 25.93
CA LYS A 206 -7.36 1.23 27.19
C LYS A 206 -5.92 0.76 27.49
N ALA A 207 -5.17 0.38 26.46
CA ALA A 207 -3.75 0.06 26.59
C ALA A 207 -2.97 1.31 27.05
N ILE A 208 -3.27 2.46 26.43
CA ILE A 208 -2.63 3.68 26.85
C ILE A 208 -2.87 3.94 28.34
N ARG A 209 -4.14 3.93 28.73
CA ARG A 209 -4.52 4.03 30.14
C ARG A 209 -3.69 3.10 31.03
N ALA A 210 -3.59 1.83 30.64
CA ALA A 210 -2.93 0.85 31.48
C ALA A 210 -1.44 1.16 31.70
N THR A 211 -0.81 1.83 30.74
CA THR A 211 0.61 2.18 30.85
C THR A 211 0.83 3.47 31.62
N LEU A 212 -0.13 4.39 31.53
CA LEU A 212 -0.03 5.63 32.31
C LEU A 212 -0.08 5.30 33.79
N GLU A 213 -0.96 4.37 34.16
CA GLU A 213 -1.11 3.92 35.56
C GLU A 213 0.20 3.43 36.15
N ILE A 214 1.17 3.07 35.29
CA ILE A 214 2.47 2.60 35.78
C ILE A 214 3.63 3.46 35.28
N SER A 215 3.35 4.66 34.80
CA SER A 215 4.41 5.46 34.22
C SER A 215 4.97 6.48 35.18
N PRO A 216 6.22 6.25 35.66
CA PRO A 216 6.91 7.18 36.54
C PRO A 216 7.03 8.54 35.88
N PHE A 217 7.21 8.58 34.58
CA PHE A 217 7.20 9.87 33.93
C PHE A 217 5.79 10.48 34.09
N PHE A 218 4.75 9.72 33.78
CA PHE A 218 3.43 10.33 33.79
C PHE A 218 3.07 10.87 35.16
N LYS A 219 3.40 10.13 36.20
CA LYS A 219 2.91 10.47 37.51
C LYS A 219 3.59 11.72 38.13
N CYS A 220 4.70 12.18 37.54
CA CYS A 220 5.39 13.36 38.05
C CYS A 220 5.49 14.48 37.01
N HIS A 221 4.52 14.52 36.09
CA HIS A 221 4.48 15.60 35.14
C HIS A 221 3.12 16.26 35.10
N GLU A 222 3.13 17.57 34.99
CA GLU A 222 1.94 18.32 34.77
C GLU A 222 1.75 18.32 33.26
N VAL A 223 0.78 17.54 32.80
CA VAL A 223 0.70 17.19 31.40
C VAL A 223 -0.31 18.09 30.74
N ILE A 224 0.18 19.21 30.23
CA ILE A 224 -0.66 20.19 29.59
C ILE A 224 -0.28 20.36 28.15
N GLY A 225 -1.31 20.46 27.30
CA GLY A 225 -1.17 20.92 25.94
C GLY A 225 -0.83 19.81 24.99
N SER A 226 -0.80 18.57 25.50
CA SER A 226 -0.49 17.39 24.70
C SER A 226 -1.76 16.80 24.08
N SER A 227 -1.61 15.99 23.04
CA SER A 227 -2.80 15.55 22.33
C SER A 227 -2.78 14.07 22.24
N LEU A 228 -3.95 13.50 21.99
CA LEU A 228 -4.02 12.15 21.48
C LEU A 228 -4.31 12.23 19.98
N LEU A 229 -3.46 11.62 19.19
CA LEU A 229 -3.58 11.73 17.76
C LEU A 229 -4.14 10.41 17.22
N PHE A 230 -5.34 10.44 16.66
CA PHE A 230 -5.99 9.23 16.12
C PHE A 230 -5.73 9.18 14.64
N ILE A 231 -5.29 8.02 14.18
CA ILE A 231 -5.05 7.82 12.76
C ILE A 231 -5.59 6.46 12.34
N HIS A 232 -6.30 6.47 11.23
CA HIS A 232 -6.79 5.23 10.63
C HIS A 232 -6.79 5.32 9.10
N ASP A 233 -6.85 4.17 8.42
CA ASP A 233 -7.01 4.24 6.99
C ASP A 233 -8.12 3.31 6.50
N LYS A 234 -8.30 3.28 5.18
CA LYS A 234 -9.18 2.28 4.55
C LYS A 234 -8.86 0.81 4.87
N LYS A 235 -7.59 0.47 5.11
CA LYS A 235 -7.27 -0.93 5.50
C LYS A 235 -7.64 -1.20 6.95
N GLU A 236 -8.31 -0.23 7.58
CA GLU A 236 -8.77 -0.32 8.97
C GLU A 236 -7.62 -0.52 9.96
N GLN A 237 -6.41 -0.08 9.58
CA GLN A 237 -5.30 0.07 10.53
C GLN A 237 -5.74 1.26 11.32
N ALA A 238 -5.69 1.16 12.64
CA ALA A 238 -6.15 2.26 13.48
C ALA A 238 -5.29 2.37 14.72
N LYS A 239 -4.76 3.57 14.97
CA LYS A 239 -3.93 3.77 16.15
C LYS A 239 -4.09 5.14 16.74
N VAL A 240 -3.45 5.31 17.90
CA VAL A 240 -3.51 6.51 18.68
C VAL A 240 -2.19 6.71 19.38
N TRP A 241 -1.60 7.89 19.29
CA TRP A 241 -0.35 8.17 20.00
C TRP A 241 -0.48 9.42 20.80
N MET A 242 0.32 9.53 21.84
CA MET A 242 0.44 10.81 22.56
C MET A 242 1.44 11.66 21.87
N ILE A 243 1.11 12.95 21.72
CA ILE A 243 1.98 13.89 21.02
C ILE A 243 2.03 15.28 21.70
N ASP A 244 3.06 16.05 21.34
CA ASP A 244 3.19 17.44 21.74
C ASP A 244 3.42 17.70 23.20
N PHE A 245 4.69 17.82 23.56
CA PHE A 245 5.03 18.03 24.93
C PHE A 245 5.60 19.40 25.19
N GLY A 246 5.41 20.31 24.23
CA GLY A 246 5.80 21.71 24.40
C GLY A 246 5.47 22.34 25.75
N LYS A 247 4.32 21.99 26.34
CA LYS A 247 3.93 22.56 27.65
C LYS A 247 3.71 21.48 28.72
N THR A 248 4.47 20.39 28.68
CA THR A 248 4.44 19.38 29.74
C THR A 248 5.70 19.53 30.66
N THR A 249 5.48 19.85 31.93
CA THR A 249 6.59 20.18 32.83
C THR A 249 6.65 19.27 34.06
N PRO A 250 7.88 18.98 34.52
CA PRO A 250 8.08 18.09 35.67
C PRO A 250 7.66 18.80 36.95
N LEU A 251 7.02 18.06 37.83
CA LEU A 251 6.72 18.55 39.14
C LEU A 251 8.00 18.68 39.96
N PRO A 252 7.93 19.38 41.11
CA PRO A 252 9.09 19.29 41.99
C PRO A 252 9.43 17.83 42.30
N GLU A 253 10.70 17.57 42.53
CA GLU A 253 11.19 16.22 42.74
C GLU A 253 10.54 15.57 43.97
N GLY A 254 10.32 14.25 43.90
CA GLY A 254 9.61 13.51 44.95
C GLY A 254 8.16 13.97 45.15
N GLN A 255 7.53 14.43 44.08
CA GLN A 255 6.18 14.95 44.18
C GLN A 255 5.32 14.43 43.04
N THR A 256 4.02 14.32 43.27
CA THR A 256 3.19 13.51 42.38
C THR A 256 1.81 14.10 42.03
N LEU A 257 1.24 13.60 40.95
CA LEU A 257 -0.11 13.97 40.51
C LEU A 257 -0.97 12.71 40.35
N GLN A 258 -2.26 12.84 40.64
CA GLN A 258 -3.23 11.75 40.48
C GLN A 258 -3.71 11.60 39.03
N HIS A 259 -4.09 12.72 38.43
CA HIS A 259 -4.45 12.79 37.02
C HIS A 259 -5.91 12.45 36.70
N ASP A 260 -6.63 11.93 37.70
CA ASP A 260 -8.02 11.57 37.51
C ASP A 260 -8.85 12.39 38.42
N VAL A 261 -8.22 13.36 39.07
CA VAL A 261 -8.93 14.23 39.97
C VAL A 261 -9.06 15.64 39.43
N PRO A 262 -10.05 16.33 39.97
CA PRO A 262 -10.40 17.73 39.65
C PRO A 262 -9.28 18.73 39.96
N TRP A 263 -9.20 19.80 39.17
CA TRP A 263 -8.19 20.83 39.38
C TRP A 263 -8.60 21.94 40.33
N GLN A 264 -7.63 22.39 41.13
CA GLN A 264 -7.84 23.56 42.00
C GLN A 264 -6.57 24.35 41.98
N GLU A 265 -6.68 25.64 41.73
CA GLU A 265 -5.51 26.49 41.80
C GLU A 265 -4.53 25.95 42.84
N GLY A 266 -3.27 25.78 42.45
CA GLY A 266 -2.25 25.22 43.34
C GLY A 266 -2.15 23.69 43.46
N ASN A 267 -3.12 22.92 42.96
CA ASN A 267 -2.99 21.45 42.97
C ASN A 267 -2.39 20.85 41.66
N ARG A 268 -2.19 21.70 40.66
CA ARG A 268 -1.50 21.36 39.41
C ARG A 268 -2.12 20.22 38.61
N GLU A 269 -3.26 19.72 39.06
CA GLU A 269 -3.89 18.56 38.41
C GLU A 269 -4.40 18.94 37.05
N ASP A 270 -4.15 18.09 36.07
CA ASP A 270 -4.46 18.38 34.70
C ASP A 270 -5.71 17.69 34.26
N GLY A 271 -6.20 16.73 35.04
CA GLY A 271 -7.44 16.00 34.69
C GLY A 271 -7.26 15.10 33.47
N TYR A 272 -6.01 14.79 33.14
CA TYR A 272 -5.69 14.01 31.95
C TYR A 272 -6.42 12.66 31.87
N LEU A 273 -6.41 11.88 32.95
CA LEU A 273 -7.06 10.58 32.94
C LEU A 273 -8.59 10.67 32.87
N SER A 274 -9.12 11.79 33.34
CA SER A 274 -10.54 12.01 33.30
C SER A 274 -10.97 12.13 31.85
N GLY A 275 -10.20 12.94 31.11
CA GLY A 275 -10.34 13.07 29.66
C GLY A 275 -10.22 11.73 28.96
N LEU A 276 -9.18 10.99 29.31
CA LEU A 276 -8.99 9.66 28.75
C LEU A 276 -10.10 8.70 29.14
N ASP A 277 -10.58 8.72 30.39
CA ASP A 277 -11.72 7.83 30.69
C ASP A 277 -12.94 8.17 29.83
N ASN A 278 -13.20 9.46 29.62
CA ASN A 278 -14.34 9.92 28.80
C ASN A 278 -14.26 9.50 27.37
N LEU A 279 -13.09 9.67 26.78
CA LEU A 279 -12.83 9.18 25.44
C LEU A 279 -13.17 7.70 25.39
N ILE A 280 -12.81 6.95 26.43
CA ILE A 280 -13.06 5.51 26.46
C ILE A 280 -14.58 5.20 26.58
N ASP A 281 -15.31 5.90 27.46
CA ASP A 281 -16.77 5.70 27.54
C ASP A 281 -17.43 5.97 26.20
N ILE A 282 -17.08 7.10 25.59
CA ILE A 282 -17.68 7.51 24.34
C ILE A 282 -17.40 6.43 23.28
N LEU A 283 -16.14 6.04 23.16
CA LEU A 283 -15.78 5.08 22.13
C LEU A 283 -16.32 3.66 22.35
N THR A 284 -16.60 3.31 23.62
CA THR A 284 -17.19 2.03 23.96
C THR A 284 -18.69 2.07 23.63
N GLU A 285 -19.36 3.12 24.08
CA GLU A 285 -20.76 3.37 23.78
C GLU A 285 -21.05 3.34 22.29
N MET A 286 -20.17 3.97 21.51
CA MET A 286 -20.28 3.99 20.06
C MET A 286 -20.03 2.63 19.40
N SER A 287 -19.19 1.81 20.04
CA SER A 287 -18.79 0.55 19.45
C SER A 287 -19.75 -0.57 19.78
N GLN A 288 -20.72 -0.27 20.65
CA GLN A 288 -21.90 -1.13 20.81
C GLN A 288 -22.92 -0.83 19.69
N GLY A 289 -23.57 0.33 19.75
CA GLY A 289 -24.49 0.79 18.69
C GLY A 289 -23.79 1.12 17.37
N VAL B 2 -2.33 25.24 0.74
CA VAL B 2 -2.66 24.18 1.69
C VAL B 2 -3.50 24.76 2.80
N GLN B 3 -4.68 24.21 3.00
CA GLN B 3 -5.38 24.31 4.27
C GLN B 3 -4.79 23.36 5.28
N TRP B 4 -4.11 22.32 4.83
CA TRP B 4 -3.71 21.25 5.75
C TRP B 4 -2.38 20.48 5.46
N SER B 5 -1.73 20.78 4.36
CA SER B 5 -0.52 20.04 4.04
C SER B 5 0.69 20.91 3.81
N PRO B 6 1.59 20.99 4.80
CA PRO B 6 2.72 21.90 4.67
C PRO B 6 3.82 21.34 3.77
N PHE B 7 3.91 20.01 3.62
CA PHE B 7 4.89 19.43 2.71
C PHE B 7 4.51 18.04 2.28
N VAL B 8 5.23 17.55 1.27
CA VAL B 8 5.07 16.16 0.84
C VAL B 8 6.11 15.28 1.52
N MET B 9 5.72 14.05 1.82
CA MET B 9 6.63 13.05 2.35
C MET B 9 6.93 11.90 1.36
N SER B 10 8.16 11.45 1.39
CA SER B 10 8.61 10.41 0.51
C SER B 10 9.56 9.47 1.21
N PHE B 11 9.32 8.17 1.06
CA PHE B 11 10.35 7.17 1.43
C PHE B 11 10.20 5.91 0.59
N LYS B 12 11.25 5.09 0.59
CA LYS B 12 11.26 3.86 -0.20
C LYS B 12 10.70 2.67 0.60
N LYS B 13 10.01 1.78 -0.12
CA LYS B 13 9.56 0.50 0.38
C LYS B 13 10.08 -0.54 -0.59
N LYS B 14 10.16 -1.80 -0.17
CA LYS B 14 10.66 -2.88 -1.02
C LYS B 14 9.65 -4.03 -1.12
N TYR B 15 9.63 -4.73 -2.24
CA TYR B 15 8.92 -6.01 -2.30
C TYR B 15 9.72 -6.92 -3.21
N PRO B 16 9.69 -8.23 -2.92
CA PRO B 16 10.43 -9.18 -3.73
C PRO B 16 9.84 -9.30 -5.12
N TRP B 17 10.66 -9.21 -6.15
CA TRP B 17 10.14 -9.48 -7.49
C TRP B 17 9.88 -10.98 -7.61
N ILE B 18 8.97 -11.37 -8.49
CA ILE B 18 8.61 -12.77 -8.73
C ILE B 18 9.00 -13.14 -10.15
N GLN B 19 9.88 -14.13 -10.32
CA GLN B 19 10.20 -14.73 -11.64
C GLN B 19 9.77 -16.22 -11.79
N LEU B 20 8.75 -16.47 -12.61
CA LEU B 20 8.27 -17.82 -12.88
C LEU B 20 9.06 -18.56 -13.97
N ALA B 21 8.91 -18.19 -15.22
CA ALA B 21 9.69 -18.80 -16.27
C ALA B 21 11.04 -18.08 -16.48
N GLY B 22 11.84 -18.54 -17.44
CA GLY B 22 13.07 -17.88 -17.82
C GLY B 22 14.26 -18.39 -17.05
N HIS B 23 15.44 -17.91 -17.39
CA HIS B 23 16.67 -18.35 -16.72
C HIS B 23 17.17 -17.36 -15.64
N ALA B 24 18.04 -17.85 -14.77
CA ALA B 24 18.80 -16.98 -13.89
C ALA B 24 19.56 -15.94 -14.76
N GLY B 25 19.43 -14.66 -14.39
CA GLY B 25 20.12 -13.56 -15.05
C GLY B 25 19.35 -12.77 -16.09
N SER B 26 18.17 -13.25 -16.49
CA SER B 26 17.41 -12.63 -17.57
C SER B 26 16.81 -11.32 -17.14
N PHE B 27 16.76 -11.07 -15.83
CA PHE B 27 16.03 -9.93 -15.33
C PHE B 27 16.78 -9.18 -14.25
N LYS B 28 16.62 -7.88 -14.18
CA LYS B 28 17.19 -7.10 -13.08
C LYS B 28 16.19 -6.03 -12.63
N ALA B 29 16.28 -5.63 -11.36
CA ALA B 29 15.50 -4.51 -10.85
C ALA B 29 15.90 -3.18 -11.48
N ALA B 30 14.94 -2.25 -11.59
CA ALA B 30 15.22 -0.87 -12.00
C ALA B 30 14.36 0.11 -11.19
N ALA B 31 14.57 1.40 -11.41
CA ALA B 31 13.84 2.44 -10.67
C ALA B 31 12.41 2.57 -11.19
N ASN B 32 11.55 3.23 -10.41
CA ASN B 32 10.20 3.66 -10.81
C ASN B 32 9.28 2.57 -11.34
N GLY B 33 9.29 1.39 -10.72
CA GLY B 33 8.44 0.28 -11.14
C GLY B 33 8.90 -0.36 -12.45
N ARG B 34 10.18 -0.22 -12.79
CA ARG B 34 10.66 -0.78 -14.04
C ARG B 34 11.64 -1.93 -13.81
N ILE B 35 11.84 -2.69 -14.88
CA ILE B 35 12.46 -3.98 -14.81
C ILE B 35 13.30 -4.04 -16.06
N LEU B 36 14.38 -4.78 -15.99
CA LEU B 36 15.27 -4.91 -17.11
C LEU B 36 15.25 -6.39 -17.47
N LYS B 37 14.81 -6.68 -18.69
CA LYS B 37 14.86 -8.02 -19.26
C LYS B 37 16.03 -7.99 -20.25
N LYS B 38 16.82 -9.05 -20.29
CA LYS B 38 17.94 -9.11 -21.20
C LYS B 38 17.51 -8.81 -22.63
N HIS B 39 18.27 -7.96 -23.30
CA HIS B 39 17.88 -7.49 -24.62
C HIS B 39 17.80 -8.59 -25.66
N CYS B 40 16.81 -8.42 -26.50
CA CYS B 40 16.53 -9.37 -27.51
C CYS B 40 15.88 -8.52 -28.60
N GLU B 41 16.49 -8.53 -29.78
CA GLU B 41 16.08 -7.67 -30.86
C GLU B 41 14.62 -7.88 -31.29
N SER B 42 14.21 -9.11 -31.49
CA SER B 42 12.85 -9.30 -31.94
C SER B 42 11.86 -8.94 -30.83
N GLU B 43 12.31 -8.86 -29.57
CA GLU B 43 11.38 -8.50 -28.52
C GLU B 43 11.19 -7.00 -28.55
N GLN B 44 12.31 -6.29 -28.76
CA GLN B 44 12.32 -4.83 -28.87
C GLN B 44 11.47 -4.33 -30.03
N ARG B 45 11.55 -5.01 -31.16
CA ARG B 45 10.68 -4.69 -32.29
C ARG B 45 9.21 -4.81 -31.98
N CYS B 46 8.84 -5.90 -31.32
CA CYS B 46 7.46 -6.14 -30.90
C CYS B 46 6.95 -5.08 -29.93
N LEU B 47 7.79 -4.74 -28.95
CA LEU B 47 7.44 -3.75 -27.94
C LEU B 47 7.32 -2.32 -28.46
N ASP B 48 8.12 -1.98 -29.46
CA ASP B 48 7.93 -0.72 -30.18
C ASP B 48 6.65 -0.70 -30.97
N ARG B 49 6.38 -1.73 -31.76
CA ARG B 49 5.15 -1.78 -32.56
C ARG B 49 3.94 -1.75 -31.64
N LEU B 50 4.01 -2.47 -30.53
CA LEU B 50 2.90 -2.61 -29.59
C LEU B 50 2.57 -1.40 -28.74
N MET B 51 3.57 -0.58 -28.45
CA MET B 51 3.32 0.65 -27.72
C MET B 51 2.34 1.51 -28.51
N ALA B 52 2.30 1.33 -29.82
CA ALA B 52 1.50 2.17 -30.71
C ALA B 52 0.20 1.52 -31.11
N ASP B 53 0.04 0.23 -30.78
CA ASP B 53 -1.10 -0.59 -31.21
C ASP B 53 -2.22 -0.58 -30.19
N VAL B 54 -3.44 -0.87 -30.61
CA VAL B 54 -4.61 -0.87 -29.71
C VAL B 54 -4.41 -1.79 -28.48
N LEU B 55 -3.63 -2.84 -28.67
CA LEU B 55 -3.28 -3.77 -27.59
C LEU B 55 -2.47 -3.16 -26.45
N ARG B 56 -1.97 -1.94 -26.65
CA ARG B 56 -1.12 -1.32 -25.64
C ARG B 56 -1.56 -1.49 -24.17
N PRO B 57 -2.84 -1.29 -23.82
CA PRO B 57 -3.24 -1.42 -22.39
C PRO B 57 -3.05 -2.81 -21.76
N PHE B 58 -2.74 -3.80 -22.58
CA PHE B 58 -2.68 -5.18 -22.13
C PHE B 58 -1.25 -5.72 -22.17
N VAL B 59 -0.29 -4.82 -22.29
CA VAL B 59 1.08 -5.27 -22.26
C VAL B 59 1.83 -4.29 -21.38
N PRO B 60 2.96 -4.71 -20.76
CA PRO B 60 3.71 -3.78 -19.90
C PRO B 60 4.28 -2.62 -20.71
N ALA B 61 4.25 -1.44 -20.13
CA ALA B 61 4.77 -0.26 -20.81
C ALA B 61 6.26 -0.48 -21.14
N TYR B 62 6.62 -0.33 -22.41
CA TYR B 62 7.99 -0.49 -22.80
C TYR B 62 8.66 0.89 -22.85
N HIS B 63 9.93 0.95 -22.40
CA HIS B 63 10.70 2.21 -22.34
C HIS B 63 12.04 2.19 -23.07
N GLY B 64 12.28 1.22 -23.93
CA GLY B 64 13.52 1.24 -24.73
C GLY B 64 14.62 0.34 -24.18
N ASP B 65 15.65 0.12 -24.98
CA ASP B 65 16.80 -0.66 -24.56
C ASP B 65 17.70 0.18 -23.65
N VAL B 66 18.53 -0.51 -22.87
CA VAL B 66 19.50 0.10 -22.01
C VAL B 66 20.75 -0.78 -21.93
N VAL B 67 21.85 -0.17 -21.48
CA VAL B 67 23.12 -0.85 -21.28
C VAL B 67 23.48 -0.73 -19.79
N LYS B 68 23.46 -1.85 -19.08
CA LYS B 68 23.89 -1.86 -17.68
C LYS B 68 24.92 -2.97 -17.48
N ASP B 69 26.01 -2.64 -16.78
CA ASP B 69 27.06 -3.58 -16.37
C ASP B 69 27.55 -4.47 -17.49
N GLY B 70 27.73 -3.88 -18.67
CA GLY B 70 28.29 -4.59 -19.80
C GLY B 70 27.30 -5.41 -20.61
N GLU B 71 26.01 -5.28 -20.34
CA GLU B 71 25.00 -5.98 -21.13
C GLU B 71 23.78 -5.14 -21.53
N ARG B 72 23.09 -5.62 -22.55
CA ARG B 72 21.98 -4.94 -23.14
C ARG B 72 20.67 -5.45 -22.53
N TYR B 73 19.78 -4.53 -22.15
CA TYR B 73 18.46 -4.90 -21.67
C TYR B 73 17.42 -4.13 -22.42
N ASN B 74 16.19 -4.67 -22.40
CA ASN B 74 14.96 -3.90 -22.64
C ASN B 74 14.32 -3.48 -21.30
N GLN B 75 13.92 -2.22 -21.20
CA GLN B 75 13.32 -1.72 -19.97
C GLN B 75 11.80 -1.62 -20.08
N MET B 76 11.09 -2.23 -19.13
CA MET B 76 9.60 -2.23 -19.16
C MET B 76 8.97 -2.04 -17.75
N ASP B 77 7.64 -1.93 -17.65
CA ASP B 77 7.05 -1.82 -16.31
C ASP B 77 7.03 -3.15 -15.56
N ASP B 78 7.05 -3.08 -14.24
CA ASP B 78 6.84 -4.23 -13.38
C ASP B 78 5.34 -4.35 -13.08
N LEU B 79 4.71 -5.34 -13.69
CA LEU B 79 3.28 -5.55 -13.56
C LEU B 79 2.88 -5.98 -12.13
N LEU B 80 3.90 -6.26 -11.30
CA LEU B 80 3.70 -6.51 -9.89
C LEU B 80 3.47 -5.25 -9.04
N ALA B 81 3.84 -4.09 -9.57
CA ALA B 81 3.88 -2.84 -8.78
C ALA B 81 2.65 -2.47 -7.94
N ASP B 82 1.45 -2.55 -8.51
CA ASP B 82 0.30 -2.06 -7.74
C ASP B 82 -0.40 -3.13 -6.93
N PHE B 83 0.25 -4.29 -6.85
CA PHE B 83 -0.30 -5.42 -6.12
C PHE B 83 0.35 -5.56 -4.77
N ASP B 84 -0.35 -6.19 -3.84
CA ASP B 84 0.27 -6.39 -2.56
C ASP B 84 0.35 -7.83 -2.10
N SER B 85 1.58 -8.35 -2.08
CA SER B 85 1.80 -9.77 -1.89
C SER B 85 1.06 -10.59 -2.98
N PRO B 86 1.32 -10.29 -4.26
CA PRO B 86 0.53 -10.88 -5.35
C PRO B 86 0.75 -12.39 -5.52
N CYS B 87 -0.30 -13.12 -5.93
CA CYS B 87 -0.16 -14.43 -6.56
C CYS B 87 -0.06 -14.24 -8.07
N VAL B 88 0.64 -15.15 -8.74
CA VAL B 88 0.95 -14.99 -10.16
C VAL B 88 0.91 -16.33 -10.89
N MET B 89 0.39 -16.31 -12.11
CA MET B 89 0.39 -17.49 -12.94
C MET B 89 0.89 -17.11 -14.31
N ASP B 90 1.71 -17.95 -14.91
CA ASP B 90 2.19 -17.70 -16.26
C ASP B 90 1.67 -18.83 -17.13
N CYS B 91 0.96 -18.47 -18.21
CA CYS B 91 0.50 -19.40 -19.26
C CYS B 91 1.11 -19.10 -20.63
N LYS B 92 1.82 -20.08 -21.18
CA LYS B 92 2.36 -19.98 -22.51
C LYS B 92 1.25 -20.23 -23.52
N MET B 93 1.11 -19.27 -24.43
CA MET B 93 0.07 -19.25 -25.44
C MET B 93 0.50 -19.83 -26.79
N GLY B 94 -0.46 -20.48 -27.45
CA GLY B 94 -0.28 -21.05 -28.77
C GLY B 94 -0.44 -22.56 -28.73
N VAL B 95 -0.70 -23.14 -29.90
CA VAL B 95 -0.74 -24.59 -30.03
C VAL B 95 0.68 -25.11 -30.21
N ARG B 96 1.65 -24.22 -30.12
CA ARG B 96 3.00 -24.55 -30.53
C ARG B 96 3.97 -23.56 -29.87
N THR B 97 5.15 -24.01 -29.46
CA THR B 97 6.07 -23.09 -28.79
C THR B 97 7.38 -22.88 -29.52
N TYR B 98 7.42 -23.24 -30.80
CA TYR B 98 8.61 -23.01 -31.59
C TYR B 98 8.17 -22.33 -32.87
N LEU B 99 9.05 -21.51 -33.43
CA LEU B 99 8.78 -20.82 -34.68
C LEU B 99 8.96 -21.73 -35.88
N GLU B 100 8.16 -21.53 -36.91
CA GLU B 100 8.30 -22.31 -38.13
C GLU B 100 9.70 -22.28 -38.69
N GLU B 101 10.35 -21.11 -38.66
CA GLU B 101 11.74 -21.02 -39.12
C GLU B 101 12.71 -21.86 -38.28
N GLU B 102 12.30 -22.22 -37.07
CA GLU B 102 13.11 -23.07 -36.18
C GLU B 102 12.98 -24.54 -36.58
N LEU B 103 11.77 -24.93 -36.99
CA LEU B 103 11.50 -26.26 -37.53
C LEU B 103 12.20 -26.48 -38.88
N THR B 104 11.94 -25.58 -39.84
CA THR B 104 12.64 -25.49 -41.11
C THR B 104 14.12 -25.74 -40.89
N LYS B 105 14.71 -24.93 -40.03
CA LYS B 105 16.15 -24.92 -39.81
C LYS B 105 16.64 -26.26 -39.27
N ALA B 106 15.92 -26.79 -38.29
CA ALA B 106 16.23 -28.11 -37.76
C ALA B 106 15.88 -29.23 -38.74
N ARG B 107 14.94 -28.97 -39.66
CA ARG B 107 14.62 -29.91 -40.74
C ARG B 107 15.70 -29.92 -41.82
N LYS B 108 16.58 -28.92 -41.81
CA LYS B 108 17.58 -28.81 -42.86
C LYS B 108 18.79 -29.72 -42.64
N LYS B 109 19.12 -30.02 -41.39
CA LYS B 109 20.16 -31.01 -41.10
C LYS B 109 19.79 -31.91 -39.91
N PRO B 110 19.05 -33.01 -40.20
CA PRO B 110 18.37 -33.76 -39.15
C PRO B 110 19.29 -34.77 -38.44
N SER B 111 20.16 -34.29 -37.55
CA SER B 111 21.08 -35.14 -36.80
C SER B 111 20.32 -35.90 -35.70
N LEU B 112 20.36 -37.23 -35.78
CA LEU B 112 19.69 -38.13 -34.82
C LEU B 112 20.13 -37.86 -33.38
N ARG B 113 19.14 -37.70 -32.49
CA ARG B 113 19.41 -37.29 -31.12
C ARG B 113 19.11 -38.37 -30.10
N LYS B 114 20.13 -38.69 -29.31
CA LYS B 114 20.08 -39.75 -28.31
C LYS B 114 19.26 -39.32 -27.10
N ASP B 115 19.71 -38.26 -26.41
CA ASP B 115 19.07 -37.75 -25.19
C ASP B 115 17.61 -37.42 -25.42
N MET B 116 17.32 -36.88 -26.60
CA MET B 116 15.95 -36.55 -26.98
C MET B 116 15.09 -37.80 -27.03
N TYR B 117 15.67 -38.93 -27.44
CA TYR B 117 14.96 -40.21 -27.31
C TYR B 117 14.79 -40.62 -25.85
N GLN B 118 15.87 -40.52 -25.06
CA GLN B 118 15.83 -40.88 -23.64
C GLN B 118 14.77 -40.09 -22.86
N LYS B 119 14.65 -38.81 -23.17
CA LYS B 119 13.71 -37.93 -22.49
C LYS B 119 12.28 -38.23 -22.90
N MET B 120 12.13 -38.67 -24.14
CA MET B 120 10.83 -38.93 -24.72
C MET B 120 10.25 -40.22 -24.18
N VAL B 121 11.09 -41.27 -24.10
CA VAL B 121 10.65 -42.52 -23.46
C VAL B 121 10.39 -42.33 -21.96
N GLU B 122 11.21 -41.49 -21.33
CA GLU B 122 11.08 -41.20 -19.92
C GLU B 122 9.66 -40.73 -19.60
N VAL B 123 9.10 -39.94 -20.52
CA VAL B 123 7.83 -39.29 -20.33
C VAL B 123 6.69 -40.11 -20.91
N ASP B 124 7.01 -40.98 -21.86
CA ASP B 124 6.05 -41.91 -22.45
C ASP B 124 6.79 -42.99 -23.22
N PRO B 125 6.92 -44.19 -22.60
CA PRO B 125 7.69 -45.28 -23.27
C PRO B 125 7.09 -45.72 -24.63
N GLU B 126 5.80 -45.47 -24.81
CA GLU B 126 5.09 -45.83 -26.05
C GLU B 126 5.13 -44.73 -27.13
N ALA B 127 5.67 -43.57 -26.79
CA ALA B 127 5.74 -42.45 -27.74
C ALA B 127 6.48 -42.80 -29.05
N PRO B 128 7.70 -43.38 -28.96
CA PRO B 128 8.51 -43.59 -30.17
C PRO B 128 7.88 -44.56 -31.16
N THR B 129 8.11 -44.34 -32.45
CA THR B 129 7.68 -45.30 -33.47
C THR B 129 8.54 -46.54 -33.35
N GLU B 130 8.31 -47.52 -34.21
CA GLU B 130 9.05 -48.76 -34.12
C GLU B 130 10.50 -48.59 -34.54
N GLU B 131 10.71 -47.99 -35.72
CA GLU B 131 12.04 -47.65 -36.22
C GLU B 131 12.81 -46.87 -35.16
N GLU B 132 12.15 -45.86 -34.58
CA GLU B 132 12.76 -44.97 -33.59
C GLU B 132 13.17 -45.75 -32.34
N LYS B 133 12.36 -46.76 -32.02
CA LYS B 133 12.68 -47.68 -30.93
C LYS B 133 13.95 -48.46 -31.26
N ALA B 134 14.03 -48.99 -32.48
CA ALA B 134 15.20 -49.76 -32.93
C ALA B 134 16.50 -48.93 -32.96
N GLN B 135 16.35 -47.60 -33.02
CA GLN B 135 17.47 -46.65 -33.06
C GLN B 135 17.87 -46.11 -31.68
N ARG B 136 16.95 -46.16 -30.72
CA ARG B 136 17.14 -45.56 -29.39
C ARG B 136 17.58 -44.09 -29.51
N ALA B 137 17.03 -43.43 -30.53
CA ALA B 137 17.34 -42.04 -30.89
C ALA B 137 16.23 -41.47 -31.76
N VAL B 138 16.28 -40.17 -31.99
CA VAL B 138 15.13 -39.47 -32.54
C VAL B 138 15.48 -38.12 -33.12
N THR B 139 14.58 -37.58 -33.93
CA THR B 139 14.87 -36.36 -34.65
C THR B 139 14.30 -35.13 -33.98
N LYS B 140 14.92 -33.98 -34.28
CA LYS B 140 14.71 -32.76 -33.53
C LYS B 140 13.44 -32.07 -33.95
N PRO B 141 13.29 -31.85 -35.25
CA PRO B 141 12.00 -32.09 -35.89
C PRO B 141 10.95 -32.85 -35.08
N ARG B 142 10.88 -34.17 -35.21
CA ARG B 142 9.75 -34.91 -34.67
C ARG B 142 9.58 -34.68 -33.18
N TYR B 143 10.71 -34.47 -32.49
CA TYR B 143 10.75 -34.20 -31.05
C TYR B 143 10.14 -32.84 -30.66
N MET B 144 10.63 -31.76 -31.26
CA MET B 144 9.99 -30.44 -31.14
C MET B 144 8.48 -30.58 -31.25
N GLN B 145 8.02 -31.30 -32.27
CA GLN B 145 6.60 -31.54 -32.46
C GLN B 145 5.99 -32.38 -31.33
N TRP B 146 6.64 -33.50 -31.00
CA TRP B 146 6.15 -34.36 -29.92
C TRP B 146 6.01 -33.64 -28.56
N ARG B 147 7.00 -32.82 -28.18
CA ARG B 147 7.06 -32.13 -26.87
C ARG B 147 5.78 -31.36 -26.62
N GLU B 148 5.26 -30.72 -27.66
CA GLU B 148 4.02 -29.94 -27.59
C GLU B 148 2.85 -30.79 -27.13
N THR B 149 2.96 -32.11 -27.25
CA THR B 149 1.82 -32.98 -26.99
C THR B 149 1.67 -33.50 -25.58
N ILE B 150 2.70 -33.35 -24.75
CA ILE B 150 2.65 -33.96 -23.43
C ILE B 150 1.81 -33.14 -22.48
N SER B 151 1.63 -31.86 -22.81
CA SER B 151 0.83 -30.97 -22.00
C SER B 151 -0.34 -30.43 -22.83
N SER B 152 -1.04 -29.41 -22.31
CA SER B 152 -2.22 -28.86 -22.99
C SER B 152 -1.95 -28.03 -24.24
N THR B 153 -0.69 -27.74 -24.54
CA THR B 153 -0.34 -26.92 -25.68
C THR B 153 -1.07 -27.33 -26.97
N ALA B 154 -0.92 -28.57 -27.41
CA ALA B 154 -1.52 -29.00 -28.70
C ALA B 154 -3.06 -29.11 -28.66
N THR B 155 -3.62 -29.62 -27.55
CA THR B 155 -5.08 -29.79 -27.43
C THR B 155 -5.84 -28.50 -27.04
N LEU B 156 -5.27 -27.73 -26.12
CA LEU B 156 -5.94 -26.50 -25.66
C LEU B 156 -5.35 -25.19 -26.19
N GLY B 157 -4.14 -25.23 -26.72
CA GLY B 157 -3.51 -24.03 -27.26
C GLY B 157 -2.88 -23.11 -26.22
N PHE B 158 -2.63 -23.65 -25.03
CA PHE B 158 -1.91 -22.96 -23.97
C PHE B 158 -1.39 -24.00 -22.98
N ARG B 159 -0.37 -23.64 -22.19
CA ARG B 159 0.02 -24.49 -21.08
C ARG B 159 0.48 -23.65 -19.88
N ILE B 160 0.37 -24.21 -18.68
CA ILE B 160 0.75 -23.48 -17.47
C ILE B 160 2.27 -23.52 -17.25
N GLU B 161 2.93 -22.37 -17.25
CA GLU B 161 4.39 -22.36 -17.07
C GLU B 161 4.78 -22.44 -15.62
N GLY B 162 4.08 -21.69 -14.77
CA GLY B 162 4.45 -21.58 -13.36
C GLY B 162 3.38 -20.90 -12.54
N ILE B 163 3.32 -21.22 -11.25
CA ILE B 163 2.36 -20.62 -10.32
C ILE B 163 3.01 -20.26 -9.00
N LYS B 164 2.91 -19.00 -8.62
CA LYS B 164 3.34 -18.58 -7.30
C LYS B 164 2.07 -18.29 -6.47
N LYS B 165 1.93 -18.94 -5.33
CA LYS B 165 0.67 -18.92 -4.58
C LYS B 165 0.77 -18.16 -3.27
N GLU B 166 -0.39 -18.08 -2.59
CA GLU B 166 -0.56 -17.37 -1.32
C GLU B 166 0.37 -17.80 -0.19
N ASP B 167 0.49 -19.09 0.08
CA ASP B 167 1.47 -19.57 1.08
C ASP B 167 2.91 -19.19 0.76
N GLY B 168 3.17 -18.75 -0.47
CA GLY B 168 4.53 -18.40 -0.87
C GLY B 168 5.31 -19.51 -1.55
N SER B 169 4.60 -20.55 -1.96
CA SER B 169 5.19 -21.66 -2.66
C SER B 169 5.06 -21.49 -4.18
N VAL B 170 6.07 -21.91 -4.93
CA VAL B 170 6.03 -21.91 -6.38
C VAL B 170 5.89 -23.32 -6.90
N ASN B 171 4.99 -23.51 -7.86
CA ASN B 171 4.93 -24.75 -8.65
C ASN B 171 5.38 -24.45 -10.06
N ARG B 172 6.26 -25.27 -10.65
CA ARG B 172 6.69 -25.12 -12.08
C ARG B 172 6.59 -26.42 -12.88
N ASP B 173 6.21 -27.50 -12.22
CA ASP B 173 6.15 -28.81 -12.85
C ASP B 173 4.76 -29.08 -13.40
N PHE B 174 4.53 -28.60 -14.62
CA PHE B 174 3.25 -28.81 -15.29
C PHE B 174 3.52 -29.45 -16.63
N LYS B 175 4.63 -30.17 -16.73
CA LYS B 175 5.06 -30.74 -18.01
C LYS B 175 4.01 -31.75 -18.51
N LYS B 176 3.41 -32.45 -17.56
CA LYS B 176 2.34 -33.41 -17.89
C LYS B 176 0.94 -32.91 -17.56
N THR B 177 0.80 -31.61 -17.34
CA THR B 177 -0.52 -31.01 -17.14
C THR B 177 -1.21 -30.78 -18.47
N LYS B 178 -2.21 -31.62 -18.75
CA LYS B 178 -2.71 -31.81 -20.14
C LYS B 178 -4.21 -31.62 -20.30
N THR B 179 -4.98 -32.14 -19.35
CA THR B 179 -6.44 -32.14 -19.44
C THR B 179 -7.04 -30.84 -18.91
N ARG B 180 -8.26 -30.54 -19.36
CA ARG B 180 -9.13 -29.54 -18.75
C ARG B 180 -9.24 -29.69 -17.23
N GLU B 181 -9.25 -30.94 -16.76
CA GLU B 181 -9.51 -31.24 -15.36
C GLU B 181 -8.36 -30.79 -14.50
N GLN B 182 -7.16 -31.10 -14.98
CA GLN B 182 -5.91 -30.72 -14.36
C GLN B 182 -5.71 -29.20 -14.38
N VAL B 183 -6.17 -28.55 -15.44
CA VAL B 183 -5.98 -27.13 -15.60
C VAL B 183 -6.92 -26.41 -14.65
N THR B 184 -8.21 -26.71 -14.78
CA THR B 184 -9.20 -26.20 -13.88
C THR B 184 -8.73 -26.32 -12.45
N GLU B 185 -8.19 -27.49 -12.11
CA GLU B 185 -7.65 -27.82 -10.79
C GLU B 185 -6.54 -26.87 -10.32
N ALA B 186 -5.62 -26.56 -11.20
CA ALA B 186 -4.56 -25.57 -10.96
C ALA B 186 -5.12 -24.15 -10.82
N PHE B 187 -6.06 -23.82 -11.69
CA PHE B 187 -6.70 -22.51 -11.66
C PHE B 187 -7.51 -22.36 -10.37
N ARG B 188 -8.19 -23.43 -9.99
CA ARG B 188 -8.96 -23.44 -8.76
C ARG B 188 -8.07 -23.24 -7.54
N GLU B 189 -6.91 -23.86 -7.48
CA GLU B 189 -6.04 -23.72 -6.29
C GLU B 189 -5.38 -22.37 -6.28
N PHE B 190 -5.02 -21.89 -7.48
CA PHE B 190 -4.34 -20.61 -7.67
C PHE B 190 -5.15 -19.46 -7.12
N THR B 191 -6.45 -19.63 -7.22
CA THR B 191 -7.44 -18.60 -7.10
C THR B 191 -8.24 -18.76 -5.77
N LYS B 192 -8.02 -19.89 -5.09
CA LYS B 192 -8.76 -20.31 -3.90
C LYS B 192 -10.25 -20.36 -4.14
N GLY B 193 -10.62 -20.64 -5.39
CA GLY B 193 -12.01 -20.56 -5.85
C GLY B 193 -12.67 -19.17 -5.73
N ASN B 194 -11.88 -18.14 -5.47
CA ASN B 194 -12.39 -16.78 -5.30
C ASN B 194 -13.14 -16.28 -6.52
N GLN B 195 -14.45 -16.24 -6.38
CA GLN B 195 -15.36 -16.01 -7.50
C GLN B 195 -15.11 -14.65 -8.17
N ASN B 196 -14.89 -13.63 -7.34
CA ASN B 196 -14.58 -12.30 -7.85
C ASN B 196 -13.32 -12.27 -8.70
N ILE B 197 -12.30 -12.97 -8.22
CA ILE B 197 -11.07 -13.10 -8.99
C ILE B 197 -11.32 -13.86 -10.29
N LEU B 198 -12.03 -14.99 -10.20
CA LEU B 198 -12.39 -15.70 -11.44
C LEU B 198 -13.03 -14.76 -12.46
N ILE B 199 -14.19 -14.20 -12.12
CA ILE B 199 -14.96 -13.31 -13.01
C ILE B 199 -14.10 -12.17 -13.56
N ALA B 200 -13.33 -11.50 -12.68
CA ALA B 200 -12.32 -10.53 -13.13
C ALA B 200 -11.34 -11.09 -14.19
N TYR B 201 -10.73 -12.23 -13.91
CA TYR B 201 -9.87 -12.80 -14.91
C TYR B 201 -10.68 -13.05 -16.14
N ARG B 202 -11.88 -13.61 -15.98
CA ARG B 202 -12.72 -13.96 -17.15
C ARG B 202 -13.01 -12.73 -18.01
N ASP B 203 -13.41 -11.64 -17.35
CA ASP B 203 -13.71 -10.40 -18.05
C ASP B 203 -12.46 -9.72 -18.67
N ARG B 204 -11.33 -9.78 -17.96
CA ARG B 204 -10.09 -9.24 -18.50
C ARG B 204 -9.71 -9.97 -19.79
N LEU B 205 -9.77 -11.30 -19.76
CA LEU B 205 -9.46 -12.10 -20.94
C LEU B 205 -10.36 -11.80 -22.14
N LYS B 206 -11.66 -11.58 -21.88
CA LYS B 206 -12.61 -11.21 -22.92
C LYS B 206 -12.18 -9.91 -23.64
N ALA B 207 -11.73 -8.95 -22.83
CA ALA B 207 -11.27 -7.65 -23.32
C ALA B 207 -10.04 -7.86 -24.18
N ILE B 208 -9.12 -8.69 -23.71
CA ILE B 208 -7.94 -8.93 -24.49
C ILE B 208 -8.32 -9.54 -25.81
N ARG B 209 -9.33 -10.39 -25.79
CA ARG B 209 -9.70 -11.14 -27.00
C ARG B 209 -10.42 -10.26 -28.01
N ALA B 210 -11.24 -9.35 -27.50
CA ALA B 210 -11.95 -8.41 -28.35
C ALA B 210 -10.96 -7.57 -29.15
N THR B 211 -9.97 -7.03 -28.44
CA THR B 211 -8.89 -6.23 -29.00
C THR B 211 -8.00 -7.01 -29.95
N LEU B 212 -7.76 -8.27 -29.66
CA LEU B 212 -6.91 -9.02 -30.57
C LEU B 212 -7.53 -9.09 -31.95
N GLU B 213 -8.87 -9.18 -31.99
CA GLU B 213 -9.66 -9.16 -33.24
C GLU B 213 -9.46 -7.90 -34.10
N ILE B 214 -9.50 -6.74 -33.47
CA ILE B 214 -9.16 -5.49 -34.14
C ILE B 214 -7.69 -5.37 -34.51
N SER B 215 -6.82 -5.87 -33.63
CA SER B 215 -5.42 -5.42 -33.56
C SER B 215 -4.57 -5.61 -34.80
N PRO B 216 -4.12 -4.50 -35.42
CA PRO B 216 -3.32 -4.56 -36.66
C PRO B 216 -2.02 -5.31 -36.44
N PHE B 217 -1.42 -5.11 -35.27
CA PHE B 217 -0.14 -5.73 -34.96
C PHE B 217 -0.33 -7.22 -34.97
N PHE B 218 -1.40 -7.64 -34.31
CA PHE B 218 -1.68 -9.03 -34.12
C PHE B 218 -1.87 -9.78 -35.42
N LYS B 219 -2.69 -9.28 -36.32
CA LYS B 219 -2.95 -10.05 -37.53
C LYS B 219 -1.71 -10.33 -38.38
N CYS B 220 -0.57 -9.73 -38.06
CA CYS B 220 0.60 -9.92 -38.90
C CYS B 220 1.85 -10.45 -38.18
N HIS B 221 1.67 -10.93 -36.96
CA HIS B 221 2.74 -11.64 -36.28
C HIS B 221 2.46 -13.10 -36.05
N GLU B 222 3.51 -13.92 -36.10
CA GLU B 222 3.44 -15.29 -35.60
C GLU B 222 3.79 -15.12 -34.12
N VAL B 223 2.82 -15.27 -33.25
CA VAL B 223 2.97 -14.91 -31.86
C VAL B 223 3.26 -16.23 -31.14
N ILE B 224 4.55 -16.57 -31.08
CA ILE B 224 5.05 -17.79 -30.46
C ILE B 224 5.86 -17.47 -29.21
N GLY B 225 5.86 -18.40 -28.26
CA GLY B 225 6.59 -18.21 -27.02
C GLY B 225 6.06 -17.14 -26.07
N SER B 226 4.96 -16.46 -26.42
CA SER B 226 4.41 -15.45 -25.53
C SER B 226 3.43 -16.06 -24.51
N SER B 227 3.07 -15.25 -23.51
CA SER B 227 2.38 -15.74 -22.32
C SER B 227 1.31 -14.80 -21.93
N LEU B 228 0.34 -15.30 -21.16
CA LEU B 228 -0.55 -14.44 -20.38
C LEU B 228 -0.13 -14.50 -18.90
N LEU B 229 0.05 -13.34 -18.31
CA LEU B 229 0.52 -13.30 -16.96
C LEU B 229 -0.63 -12.85 -16.08
N PHE B 230 -1.09 -13.74 -15.20
CA PHE B 230 -2.24 -13.39 -14.37
C PHE B 230 -1.71 -12.95 -13.04
N ILE B 231 -2.15 -11.80 -12.55
CA ILE B 231 -1.73 -11.37 -11.23
C ILE B 231 -2.94 -10.96 -10.42
N HIS B 232 -3.02 -11.46 -9.20
CA HIS B 232 -4.08 -11.07 -8.27
C HIS B 232 -3.57 -11.00 -6.83
N ASP B 233 -4.25 -10.24 -5.98
CA ASP B 233 -3.80 -10.18 -4.58
C ASP B 233 -4.96 -10.38 -3.59
N LYS B 234 -4.69 -10.18 -2.30
CA LYS B 234 -5.73 -10.32 -1.26
C LYS B 234 -6.85 -9.30 -1.34
N LYS B 235 -6.62 -8.20 -2.05
CA LYS B 235 -7.64 -7.15 -2.25
C LYS B 235 -8.55 -7.43 -3.43
N GLU B 236 -8.42 -8.61 -4.04
CA GLU B 236 -9.18 -8.99 -5.23
C GLU B 236 -9.00 -8.13 -6.49
N GLN B 237 -7.86 -7.47 -6.58
CA GLN B 237 -7.43 -6.88 -7.87
C GLN B 237 -6.87 -8.01 -8.71
N ALA B 238 -7.27 -8.09 -9.98
CA ALA B 238 -6.85 -9.18 -10.83
C ALA B 238 -6.67 -8.74 -12.26
N LYS B 239 -5.46 -8.83 -12.78
CA LYS B 239 -5.28 -8.47 -14.18
C LYS B 239 -4.46 -9.47 -14.95
N VAL B 240 -4.48 -9.32 -16.26
CA VAL B 240 -3.83 -10.23 -17.14
C VAL B 240 -3.15 -9.37 -18.17
N TRP B 241 -1.96 -9.79 -18.59
CA TRP B 241 -1.19 -9.03 -19.55
C TRP B 241 -0.55 -9.99 -20.51
N MET B 242 -0.19 -9.47 -21.68
CA MET B 242 0.57 -10.21 -22.66
C MET B 242 2.01 -9.84 -22.47
N ILE B 243 2.84 -10.86 -22.29
CA ILE B 243 4.26 -10.68 -22.03
C ILE B 243 5.10 -11.58 -22.93
N ASP B 244 6.40 -11.33 -22.96
CA ASP B 244 7.35 -12.24 -23.60
C ASP B 244 7.21 -12.32 -25.11
N PHE B 245 8.00 -11.52 -25.82
CA PHE B 245 7.89 -11.40 -27.28
C PHE B 245 9.23 -11.73 -27.91
N GLY B 246 10.03 -12.53 -27.20
CA GLY B 246 11.30 -13.00 -27.72
C GLY B 246 11.19 -13.75 -29.03
N LYS B 247 10.06 -14.42 -29.24
CA LYS B 247 9.88 -15.35 -30.37
C LYS B 247 8.62 -15.04 -31.17
N THR B 248 8.26 -13.77 -31.24
CA THR B 248 7.13 -13.29 -32.01
C THR B 248 7.73 -12.49 -33.19
N THR B 249 7.30 -12.79 -34.41
CA THR B 249 7.97 -12.27 -35.59
C THR B 249 6.98 -11.91 -36.67
N PRO B 250 7.21 -10.75 -37.33
CA PRO B 250 6.28 -10.17 -38.29
C PRO B 250 6.17 -11.05 -39.51
N LEU B 251 4.97 -11.23 -40.04
CA LEU B 251 4.83 -11.88 -41.35
C LEU B 251 5.45 -10.99 -42.44
N PRO B 252 5.68 -11.55 -43.65
CA PRO B 252 6.12 -10.63 -44.71
C PRO B 252 5.02 -9.63 -45.03
N GLU B 253 5.36 -8.62 -45.84
CA GLU B 253 4.47 -7.49 -46.12
C GLU B 253 3.07 -7.85 -46.63
N GLY B 254 2.06 -7.16 -46.10
CA GLY B 254 0.67 -7.29 -46.50
C GLY B 254 0.09 -8.67 -46.30
N GLN B 255 0.73 -9.49 -45.46
CA GLN B 255 0.28 -10.86 -45.26
C GLN B 255 -0.32 -11.05 -43.87
N THR B 256 -1.14 -12.07 -43.68
CA THR B 256 -1.91 -12.19 -42.43
C THR B 256 -2.18 -13.62 -41.88
N LEU B 257 -2.31 -13.69 -40.55
CA LEU B 257 -2.67 -14.92 -39.86
C LEU B 257 -4.07 -14.87 -39.27
N GLN B 258 -4.66 -16.04 -39.03
CA GLN B 258 -5.98 -16.11 -38.41
C GLN B 258 -5.94 -16.41 -36.92
N HIS B 259 -5.04 -17.27 -36.49
CA HIS B 259 -4.80 -17.47 -35.06
C HIS B 259 -5.80 -18.41 -34.37
N ASP B 260 -6.81 -18.86 -35.08
CA ASP B 260 -7.82 -19.75 -34.53
C ASP B 260 -7.98 -20.98 -35.38
N VAL B 261 -7.26 -21.04 -36.47
CA VAL B 261 -7.28 -22.20 -37.38
C VAL B 261 -6.09 -23.13 -37.12
N PRO B 262 -6.23 -24.42 -37.46
CA PRO B 262 -5.15 -25.36 -37.17
C PRO B 262 -3.85 -25.07 -37.93
N TRP B 263 -2.73 -25.24 -37.24
CA TRP B 263 -1.41 -25.09 -37.82
C TRP B 263 -1.14 -26.24 -38.78
N GLN B 264 -0.74 -25.90 -39.99
CA GLN B 264 -0.17 -26.86 -40.90
C GLN B 264 1.21 -26.33 -41.24
N GLU B 265 2.20 -27.21 -41.26
CA GLU B 265 3.55 -26.76 -41.52
C GLU B 265 3.62 -26.00 -42.84
N GLY B 266 3.97 -24.72 -42.72
CA GLY B 266 4.01 -23.83 -43.85
C GLY B 266 3.11 -22.62 -43.64
N ASN B 267 1.96 -22.81 -43.02
CA ASN B 267 1.02 -21.70 -42.87
C ASN B 267 1.33 -20.71 -41.75
N ARG B 268 2.32 -21.03 -40.91
CA ARG B 268 2.74 -20.17 -39.78
C ARG B 268 1.70 -19.89 -38.68
N GLU B 269 0.57 -20.57 -38.73
CA GLU B 269 -0.51 -20.33 -37.73
C GLU B 269 -0.13 -20.83 -36.33
N ASP B 270 -0.51 -20.08 -35.31
CA ASP B 270 0.01 -20.33 -33.98
C ASP B 270 -1.04 -20.82 -33.01
N GLY B 271 -2.31 -20.75 -33.42
CA GLY B 271 -3.41 -21.14 -32.54
C GLY B 271 -3.63 -20.28 -31.30
N TYR B 272 -3.14 -19.02 -31.33
CA TYR B 272 -3.21 -18.15 -30.15
C TYR B 272 -4.63 -17.92 -29.68
N LEU B 273 -5.51 -17.54 -30.60
CA LEU B 273 -6.95 -17.44 -30.27
C LEU B 273 -7.55 -18.77 -29.84
N SER B 274 -7.10 -19.90 -30.40
CA SER B 274 -7.60 -21.19 -29.91
C SER B 274 -7.23 -21.32 -28.43
N GLY B 275 -5.99 -20.98 -28.11
CA GLY B 275 -5.55 -20.93 -26.72
C GLY B 275 -6.43 -20.05 -25.86
N LEU B 276 -6.56 -18.80 -26.27
CA LEU B 276 -7.32 -17.83 -25.51
C LEU B 276 -8.80 -18.20 -25.36
N ASP B 277 -9.38 -18.77 -26.42
CA ASP B 277 -10.78 -19.24 -26.37
C ASP B 277 -11.02 -20.28 -25.26
N ASN B 278 -10.16 -21.31 -25.18
CA ASN B 278 -10.29 -22.31 -24.11
C ASN B 278 -10.03 -21.76 -22.74
N LEU B 279 -9.17 -20.77 -22.65
CA LEU B 279 -8.91 -20.14 -21.37
C LEU B 279 -10.18 -19.45 -20.91
N ILE B 280 -10.82 -18.76 -21.84
CA ILE B 280 -12.08 -18.04 -21.61
C ILE B 280 -13.20 -19.00 -21.21
N ASP B 281 -13.21 -20.18 -21.85
CA ASP B 281 -14.21 -21.20 -21.54
C ASP B 281 -14.03 -21.82 -20.16
N ILE B 282 -12.78 -22.14 -19.81
CA ILE B 282 -12.48 -22.72 -18.51
C ILE B 282 -12.86 -21.77 -17.37
N LEU B 283 -12.61 -20.47 -17.54
CA LEU B 283 -12.91 -19.52 -16.47
C LEU B 283 -14.39 -19.21 -16.32
N THR B 284 -15.10 -19.14 -17.46
CA THR B 284 -16.54 -18.98 -17.48
C THR B 284 -17.22 -20.08 -16.67
N GLU B 285 -16.84 -21.33 -16.92
CA GLU B 285 -17.37 -22.49 -16.20
C GLU B 285 -17.02 -22.46 -14.71
N MET B 286 -15.76 -22.21 -14.40
CA MET B 286 -15.32 -22.10 -13.03
C MET B 286 -15.98 -20.92 -12.34
N SER B 287 -16.29 -19.89 -13.14
CA SER B 287 -16.84 -18.65 -12.62
C SER B 287 -18.37 -18.71 -12.44
N GLN B 288 -19.02 -19.68 -13.09
CA GLN B 288 -20.39 -20.04 -12.72
C GLN B 288 -20.44 -20.53 -11.26
MG MG C . -0.52 20.07 20.21
MG MG D . 2.20 22.23 21.84
PG ATP E . 0.22 23.36 19.65
O1G ATP E . 1.22 23.90 20.64
O2G ATP E . -0.67 24.42 19.03
O3G ATP E . -0.45 22.03 19.99
PB ATP E . 2.52 22.33 18.24
O1B ATP E . 2.92 21.82 19.61
O2B ATP E . 3.38 23.34 17.51
O3B ATP E . 1.11 23.04 18.32
PA ATP E . 1.65 19.61 17.64
O1A ATP E . 2.78 18.83 18.25
O2A ATP E . 0.36 19.68 18.46
O3A ATP E . 2.18 21.10 17.23
O5' ATP E . 1.42 18.93 16.22
C5' ATP E . 0.58 19.64 15.36
C4' ATP E . 0.01 18.69 14.32
O4' ATP E . 1.04 17.99 13.60
C3' ATP E . -0.88 17.68 14.97
O3' ATP E . -2.18 18.25 14.93
C2' ATP E . -0.73 16.47 14.09
O2' ATP E . -1.62 16.46 12.96
C1' ATP E . 0.64 16.62 13.47
N9 ATP E . 1.71 15.86 14.09
C8 ATP E . 2.53 16.30 15.08
N7 ATP E . 3.47 15.37 15.38
C5 ATP E . 3.27 14.32 14.55
C6 ATP E . 3.89 13.01 14.31
N6 ATP E . 4.97 12.61 15.05
N1 ATP E . 3.36 12.20 13.34
C2 ATP E . 2.29 12.56 12.62
N3 ATP E . 1.70 13.75 12.79
C4 ATP E . 2.11 14.64 13.71
MG MG F . 7.12 -16.71 -21.79
MG MG G . 10.47 -15.76 -24.13
PG ATP H . 10.85 -17.80 -21.82
O1G ATP H . 11.48 -17.29 -23.11
O2G ATP H . 11.36 -19.16 -21.44
O3G ATP H . 9.34 -17.62 -21.67
PB ATP H . 11.87 -15.27 -20.96
O1B ATP H . 11.24 -14.77 -22.20
O2B ATP H . 13.36 -15.09 -20.70
O3B ATP H . 11.56 -16.84 -20.70
PA ATP H . 9.52 -14.17 -19.79
O1A ATP H . 9.39 -12.91 -20.56
O2A ATP H . 8.66 -15.38 -20.11
O3A ATP H . 11.07 -14.47 -19.79
O5' ATP H . 9.23 -13.84 -18.28
C5' ATP H . 9.94 -14.49 -17.27
C4' ATP H . 9.14 -14.32 -15.97
O4' ATP H . 9.27 -13.02 -15.42
C3' ATP H . 7.66 -14.51 -16.21
O3' ATP H . 7.37 -15.89 -16.08
C2' ATP H . 7.02 -13.63 -15.15
O2' ATP H . 6.86 -14.24 -13.88
C1' ATP H . 8.02 -12.54 -14.91
N9 ATP H . 7.80 -11.32 -15.70
C8 ATP H . 8.26 -11.11 -16.96
N7 ATP H . 7.97 -9.84 -17.36
C5 ATP H . 7.31 -9.22 -16.38
C6 ATP H . 6.74 -7.87 -16.18
N6 ATP H . 6.79 -6.92 -17.15
N1 ATP H . 6.16 -7.64 -14.99
C2 ATP H . 6.11 -8.58 -14.02
N3 ATP H . 6.60 -9.82 -14.12
C4 ATP H . 7.21 -10.19 -15.27
#